data_3NYF
#
_entry.id   3NYF
#
_cell.length_a   62.101
_cell.length_b   78.148
_cell.length_c   89.593
_cell.angle_alpha   90.00
_cell.angle_beta   90.00
_cell.angle_gamma   90.00
#
_symmetry.space_group_name_H-M   'P 21 21 21'
#
loop_
_entity.id
_entity.type
_entity.pdbx_description
1 polymer 'D-Arginine Dehydrogenase'
2 non-polymer 'FLAVIN-ADENINE DINUCLEOTIDE'
3 non-polymer '(2Z)-3-(1H-imidazol-5-yl)-2-iminopropanoic acid'
4 water water
#
_entity_poly.entity_id   1
_entity_poly.type   'polypeptide(L)'
_entity_poly.pdbx_seq_one_letter_code
;HHHHHHPIEADYLVIGAGIAGASTGYWLSAHGRVVVLEREAQPGYHSTGRSAAHYTVAYGTPQVRALTAASRAFFDNPPA
GFCEHPLLSPRPEMVVDFSDDPEELRRQYESGKALVPQMRLLDAEQACSIVPVLRRDKVFGATYDPTGADIDTDALHQGY
LRGIRRNQGQVLCNHEALEIRRVDGAWEVRCDAGSYRAAVLVNAAGAWCDAIAGLAGVRPLGLQPKRRSAFIFAPPPGID
CHDWPMLVSLDESFYLKPDAGMLLGSPANADPVEAHDVQPEQLDIATGMYLIEEATTLTIRRPEHTWAGLRSFVADGDLV
AGYAANAEGFFWVAAQGGYGIQTSAAMGEASAALIRHQPLPAHLREHGLDEAMLSPRRLSP
;
_entity_poly.pdbx_strand_id   A
#
loop_
_chem_comp.id
_chem_comp.type
_chem_comp.name
_chem_comp.formula
FAD non-polymer 'FLAVIN-ADENINE DINUCLEOTIDE' 'C27 H33 N9 O15 P2'
#
# COMPACT_ATOMS: atom_id res chain seq x y z
N HIS A 1 11.14 38.70 0.14
CA HIS A 1 12.46 39.32 0.20
C HIS A 1 13.58 38.28 0.07
N HIS A 2 13.31 37.00 0.09
CA HIS A 2 14.38 36.05 -0.16
C HIS A 2 14.29 35.57 -1.61
N HIS A 3 15.44 35.23 -2.17
CA HIS A 3 15.50 34.71 -3.54
C HIS A 3 14.70 33.43 -3.69
N HIS A 4 14.02 33.34 -4.80
CA HIS A 4 13.49 32.09 -5.29
C HIS A 4 13.75 31.97 -6.79
N HIS A 5 13.85 30.72 -7.23
CA HIS A 5 13.97 30.45 -8.66
C HIS A 5 12.75 30.89 -9.41
N HIS A 6 12.85 31.19 -10.67
CA HIS A 6 11.68 31.41 -11.51
C HIS A 6 10.78 30.20 -11.41
N PRO A 7 9.46 30.43 -11.47
CA PRO A 7 8.54 29.32 -11.38
C PRO A 7 8.67 28.36 -12.55
N ILE A 8 8.43 27.08 -12.20
CA ILE A 8 8.47 25.97 -13.14
C ILE A 8 7.08 25.56 -13.53
N GLU A 9 6.81 25.54 -14.82
CA GLU A 9 5.52 25.15 -15.38
C GLU A 9 5.46 23.68 -15.74
N ALA A 10 4.39 23.00 -15.43
CA ALA A 10 4.18 21.61 -15.74
C ALA A 10 2.71 21.36 -16.07
N ASP A 11 2.37 20.11 -16.40
CA ASP A 11 0.95 19.75 -16.57
C ASP A 11 0.32 19.14 -15.34
N TYR A 12 1.13 18.42 -14.56
CA TYR A 12 0.64 17.80 -13.35
C TYR A 12 1.74 17.86 -12.29
N LEU A 13 1.42 18.43 -11.13
CA LEU A 13 2.29 18.44 -9.98
C LEU A 13 1.84 17.33 -9.06
N VAL A 14 2.67 16.38 -8.73
CA VAL A 14 2.36 15.29 -7.84
C VAL A 14 3.05 15.52 -6.50
N ILE A 15 2.27 15.61 -5.43
CA ILE A 15 2.78 15.80 -4.09
C ILE A 15 2.92 14.42 -3.44
N GLY A 16 4.17 14.03 -3.20
CA GLY A 16 4.51 12.74 -2.66
C GLY A 16 5.07 11.78 -3.66
N ALA A 17 6.18 11.15 -3.33
CA ALA A 17 6.86 10.21 -4.24
C ALA A 17 6.87 8.78 -3.73
N GLY A 18 5.93 8.47 -2.81
CA GLY A 18 5.73 7.11 -2.39
C GLY A 18 5.06 6.30 -3.50
N ILE A 19 4.53 5.10 -3.19
CA ILE A 19 3.97 4.25 -4.24
C ILE A 19 2.80 4.95 -4.91
N ALA A 20 2.04 5.79 -4.19
CA ALA A 20 0.89 6.45 -4.81
C ALA A 20 1.35 7.45 -5.85
N GLY A 21 2.22 8.38 -5.47
CA GLY A 21 2.68 9.41 -6.40
C GLY A 21 3.50 8.83 -7.52
N ALA A 22 4.33 7.85 -7.19
CA ALA A 22 5.18 7.25 -8.22
C ALA A 22 4.37 6.51 -9.25
N SER A 23 3.36 5.73 -8.83
CA SER A 23 2.56 4.97 -9.79
C SER A 23 1.70 5.91 -10.60
N THR A 24 1.04 6.88 -9.97
CA THR A 24 0.26 7.84 -10.76
C THR A 24 1.15 8.59 -11.73
N GLY A 25 2.27 9.09 -11.23
CA GLY A 25 3.21 9.81 -12.06
C GLY A 25 3.71 8.99 -13.23
N TYR A 26 3.98 7.71 -13.02
CA TYR A 26 4.41 6.83 -14.07
C TYR A 26 3.44 6.82 -15.23
N TRP A 27 2.17 6.57 -14.96
CA TRP A 27 1.18 6.52 -16.02
C TRP A 27 0.87 7.89 -16.58
N LEU A 28 1.05 9.00 -15.87
CA LEU A 28 0.87 10.33 -16.45
C LEU A 28 1.99 10.75 -17.37
N SER A 29 3.19 10.27 -17.09
CA SER A 29 4.40 10.89 -17.63
C SER A 29 4.53 10.80 -19.12
N ALA A 30 3.90 9.83 -19.78
CA ALA A 30 3.96 9.74 -21.22
C ALA A 30 3.11 10.80 -21.92
N HIS A 31 2.23 11.46 -21.16
CA HIS A 31 1.21 12.33 -21.72
C HIS A 31 1.42 13.81 -21.50
N GLY A 32 2.30 14.17 -20.59
CA GLY A 32 2.50 15.55 -20.25
C GLY A 32 3.65 15.69 -19.29
N ARG A 33 3.95 16.92 -18.91
CA ARG A 33 5.02 17.26 -18.01
C ARG A 33 4.66 16.95 -16.56
N VAL A 34 5.31 15.94 -15.97
CA VAL A 34 5.15 15.57 -14.57
C VAL A 34 6.24 16.15 -13.72
N VAL A 35 5.91 16.77 -12.60
CA VAL A 35 6.87 17.09 -11.56
C VAL A 35 6.38 16.48 -10.25
N VAL A 36 7.17 15.59 -9.67
CA VAL A 36 6.87 15.01 -8.37
C VAL A 36 7.67 15.77 -7.31
N LEU A 37 6.98 16.27 -6.29
CA LEU A 37 7.57 17.01 -5.19
C LEU A 37 7.50 16.18 -3.93
N GLU A 38 8.64 15.79 -3.41
CA GLU A 38 8.75 14.95 -2.24
C GLU A 38 9.50 15.62 -1.12
N ARG A 39 8.95 15.63 0.08
CA ARG A 39 9.52 16.31 1.26
C ARG A 39 10.84 15.73 1.70
N GLU A 40 10.93 14.39 1.74
CA GLU A 40 12.13 13.73 2.27
C GLU A 40 13.25 13.65 1.29
N ALA A 41 14.41 13.24 1.79
CA ALA A 41 15.60 13.14 0.96
C ALA A 41 15.52 11.90 0.07
N GLN A 42 14.64 10.96 0.39
CA GLN A 42 14.39 9.72 -0.32
C GLN A 42 12.89 9.52 -0.55
N PRO A 43 12.46 8.88 -1.62
CA PRO A 43 11.03 8.71 -1.88
C PRO A 43 10.27 7.65 -1.10
N GLY A 44 10.97 6.75 -0.50
CA GLY A 44 10.34 5.64 0.22
C GLY A 44 10.61 5.61 1.70
N TYR A 45 10.78 6.76 2.34
CA TYR A 45 11.06 6.81 3.78
C TYR A 45 9.83 6.55 4.63
N HIS A 46 8.64 6.85 4.13
CA HIS A 46 7.42 6.65 4.92
C HIS A 46 6.76 5.34 4.55
N SER A 47 5.47 5.26 4.30
CA SER A 47 4.79 3.98 4.36
C SER A 47 5.31 3.02 3.31
N THR A 48 5.69 3.53 2.14
CA THR A 48 6.10 2.62 1.06
C THR A 48 7.35 1.84 1.37
N GLY A 49 8.18 2.30 2.28
CA GLY A 49 9.35 1.58 2.74
C GLY A 49 9.15 0.78 3.97
N ARG A 50 7.91 0.65 4.44
CA ARG A 50 7.64 0.03 5.75
C ARG A 50 6.65 -1.12 5.71
N SER A 51 6.38 -1.64 4.51
CA SER A 51 5.33 -2.64 4.35
C SER A 51 5.80 -4.07 4.56
N ALA A 52 4.87 -5.02 4.59
CA ALA A 52 5.20 -6.43 4.69
C ALA A 52 5.46 -6.95 3.26
N ALA A 53 5.42 -6.09 2.24
CA ALA A 53 5.71 -6.46 0.88
C ALA A 53 4.98 -7.71 0.37
N HIS A 54 3.66 -7.79 0.58
CA HIS A 54 2.90 -8.96 0.19
C HIS A 54 1.69 -8.55 -0.64
N TYR A 55 1.25 -9.47 -1.48
CA TYR A 55 0.16 -9.43 -2.40
C TYR A 55 -0.85 -10.49 -2.03
N THR A 56 -2.05 -10.06 -1.68
N THR A 56 -2.03 -10.05 -1.61
CA THR A 56 -3.11 -10.95 -1.22
CA THR A 56 -3.14 -10.93 -1.28
C THR A 56 -4.47 -10.52 -1.73
C THR A 56 -4.42 -10.40 -1.89
N VAL A 57 -5.07 -11.25 -2.68
CA VAL A 57 -6.32 -10.66 -3.16
C VAL A 57 -7.42 -10.59 -2.12
N ALA A 58 -7.65 -11.61 -1.28
CA ALA A 58 -8.84 -11.69 -0.41
C ALA A 58 -8.64 -10.95 0.87
N TYR A 59 -8.54 -9.61 0.75
CA TYR A 59 -8.11 -8.77 1.85
C TYR A 59 -8.67 -7.37 1.62
N GLY A 60 -9.30 -6.72 2.59
CA GLY A 60 -9.87 -5.42 2.25
C GLY A 60 -11.31 -5.51 1.80
N THR A 61 -11.92 -4.38 1.51
CA THR A 61 -13.29 -4.31 0.96
C THR A 61 -13.35 -4.81 -0.46
N PRO A 62 -14.53 -5.01 -1.01
CA PRO A 62 -14.65 -5.39 -2.42
C PRO A 62 -13.93 -4.47 -3.37
N GLN A 63 -13.88 -3.16 -3.20
CA GLN A 63 -13.16 -2.28 -4.10
C GLN A 63 -11.68 -2.59 -4.06
N VAL A 64 -11.13 -2.84 -2.88
CA VAL A 64 -9.71 -3.10 -2.68
C VAL A 64 -9.36 -4.39 -3.43
N ARG A 65 -10.18 -5.42 -3.24
CA ARG A 65 -9.91 -6.70 -3.87
C ARG A 65 -9.93 -6.56 -5.38
N ALA A 66 -10.81 -5.74 -5.95
CA ALA A 66 -10.79 -5.53 -7.40
C ALA A 66 -9.54 -4.79 -7.88
N LEU A 67 -9.13 -3.75 -7.16
CA LEU A 67 -7.90 -3.05 -7.52
C LEU A 67 -6.69 -3.96 -7.45
N THR A 68 -6.65 -4.84 -6.44
CA THR A 68 -5.52 -5.76 -6.27
C THR A 68 -5.54 -6.75 -7.41
N ALA A 69 -6.70 -7.37 -7.67
CA ALA A 69 -6.78 -8.34 -8.74
C ALA A 69 -6.36 -7.71 -10.08
N ALA A 70 -6.80 -6.47 -10.28
CA ALA A 70 -6.52 -5.83 -11.55
C ALA A 70 -5.06 -5.42 -11.71
N SER A 71 -4.27 -5.39 -10.65
CA SER A 71 -2.88 -5.04 -10.70
C SER A 71 -1.96 -6.19 -11.06
N ARG A 72 -2.43 -7.43 -10.95
CA ARG A 72 -1.55 -8.57 -11.10
C ARG A 72 -0.90 -8.61 -12.47
N ALA A 73 -1.66 -8.28 -13.52
CA ALA A 73 -1.08 -8.42 -14.85
C ALA A 73 0.16 -7.59 -15.05
N PHE A 74 0.17 -6.35 -14.57
CA PHE A 74 1.34 -5.49 -14.65
C PHE A 74 2.47 -6.11 -13.86
N PHE A 75 2.17 -6.54 -12.62
CA PHE A 75 3.23 -7.06 -11.77
C PHE A 75 3.86 -8.29 -12.40
N ASP A 76 3.07 -9.14 -13.02
CA ASP A 76 3.66 -10.36 -13.57
C ASP A 76 4.35 -10.14 -14.90
N ASN A 77 3.89 -9.13 -15.64
CA ASN A 77 4.33 -8.87 -17.02
CA ASN A 77 4.49 -8.87 -16.97
C ASN A 77 4.49 -7.37 -17.27
N PRO A 78 5.38 -6.67 -16.57
CA PRO A 78 5.52 -5.21 -16.77
C PRO A 78 6.20 -4.95 -18.11
N PRO A 79 6.08 -3.72 -18.58
CA PRO A 79 6.71 -3.38 -19.85
C PRO A 79 8.20 -3.68 -19.90
N ALA A 80 8.71 -3.99 -21.11
CA ALA A 80 10.14 -4.18 -21.34
C ALA A 80 10.89 -2.96 -20.81
N GLY A 81 11.90 -3.30 -20.02
CA GLY A 81 12.69 -2.18 -19.51
C GLY A 81 12.22 -1.65 -18.18
N PHE A 82 11.08 -2.11 -17.67
CA PHE A 82 10.57 -1.53 -16.43
C PHE A 82 11.48 -1.88 -15.26
N CYS A 83 11.94 -3.14 -15.23
CA CYS A 83 12.79 -3.57 -14.13
C CYS A 83 13.65 -4.75 -14.55
N GLU A 84 14.66 -5.11 -13.78
CA GLU A 84 15.62 -6.11 -14.22
C GLU A 84 15.24 -7.54 -13.81
N HIS A 85 14.44 -7.68 -12.77
CA HIS A 85 14.09 -8.99 -12.22
C HIS A 85 12.60 -9.17 -11.99
N PRO A 86 12.01 -10.35 -11.83
CA PRO A 86 10.59 -10.43 -11.51
C PRO A 86 10.20 -9.65 -10.26
N LEU A 87 9.03 -9.01 -10.34
CA LEU A 87 8.50 -8.23 -9.25
C LEU A 87 7.84 -9.07 -8.17
N LEU A 88 7.31 -10.23 -8.51
CA LEU A 88 6.63 -11.09 -7.57
C LEU A 88 7.35 -12.44 -7.38
N SER A 89 7.29 -12.94 -6.16
CA SER A 89 7.88 -14.22 -5.76
C SER A 89 6.76 -15.01 -5.13
N PRO A 90 6.63 -16.30 -5.32
CA PRO A 90 5.51 -17.06 -4.76
C PRO A 90 5.49 -17.04 -3.24
N ARG A 91 4.33 -16.74 -2.68
CA ARG A 91 4.16 -16.74 -1.23
C ARG A 91 2.67 -16.85 -0.90
N PRO A 92 2.15 -18.06 -0.94
CA PRO A 92 0.78 -18.32 -0.51
C PRO A 92 0.50 -17.72 0.87
N GLU A 93 -0.75 -17.44 1.12
CA GLU A 93 -1.20 -16.97 2.43
C GLU A 93 -2.10 -17.98 3.11
N MET A 94 -1.81 -18.26 4.37
CA MET A 94 -2.60 -19.12 5.19
C MET A 94 -3.20 -18.33 6.36
N VAL A 95 -4.54 -18.25 6.40
CA VAL A 95 -5.23 -17.52 7.45
C VAL A 95 -5.71 -18.57 8.46
N VAL A 96 -5.18 -18.56 9.67
CA VAL A 96 -5.46 -19.62 10.65
C VAL A 96 -6.44 -19.15 11.71
N ASP A 97 -7.45 -19.94 11.95
CA ASP A 97 -8.39 -19.73 13.04
C ASP A 97 -7.77 -20.12 14.37
N PHE A 98 -7.36 -19.10 15.16
CA PHE A 98 -6.87 -19.35 16.47
C PHE A 98 -7.93 -19.04 17.53
N SER A 99 -9.16 -18.79 17.12
CA SER A 99 -10.13 -18.45 18.19
C SER A 99 -11.37 -19.34 18.19
N ASP A 100 -11.41 -20.35 17.36
CA ASP A 100 -12.52 -21.32 17.29
C ASP A 100 -13.80 -20.60 16.88
N ASP A 101 -13.84 -20.19 15.64
CA ASP A 101 -14.94 -19.42 15.04
C ASP A 101 -15.18 -19.99 13.65
N PRO A 102 -15.73 -21.18 13.60
CA PRO A 102 -15.93 -21.88 12.32
C PRO A 102 -16.83 -21.11 11.37
N GLU A 103 -17.77 -20.33 11.92
CA GLU A 103 -18.67 -19.60 11.04
C GLU A 103 -17.94 -18.44 10.34
N GLU A 104 -17.06 -17.77 11.06
CA GLU A 104 -16.17 -16.78 10.47
C GLU A 104 -15.20 -17.36 9.44
N LEU A 105 -14.57 -18.45 9.79
CA LEU A 105 -13.67 -19.14 8.88
C LEU A 105 -14.39 -19.53 7.59
N ARG A 106 -15.59 -20.11 7.69
CA ARG A 106 -16.36 -20.49 6.50
C ARG A 106 -16.69 -19.23 5.69
N ARG A 107 -17.09 -18.14 6.32
CA ARG A 107 -17.49 -16.94 5.62
C ARG A 107 -16.26 -16.43 4.85
N GLN A 108 -15.09 -16.44 5.50
CA GLN A 108 -13.93 -15.93 4.75
C GLN A 108 -13.52 -16.84 3.63
N TYR A 109 -13.63 -18.15 3.80
CA TYR A 109 -13.37 -19.09 2.72
C TYR A 109 -14.31 -18.87 1.55
N GLU A 110 -15.61 -18.73 1.78
CA GLU A 110 -16.55 -18.66 0.66
C GLU A 110 -16.34 -17.35 -0.10
N SER A 111 -16.10 -16.29 0.69
CA SER A 111 -15.83 -14.96 0.14
C SER A 111 -14.56 -14.93 -0.72
N GLY A 112 -13.52 -15.58 -0.22
CA GLY A 112 -12.20 -15.62 -0.86
C GLY A 112 -12.30 -16.42 -2.15
N LYS A 113 -13.00 -17.58 -2.05
CA LYS A 113 -13.09 -18.54 -3.15
C LYS A 113 -13.82 -17.90 -4.31
N ALA A 114 -14.74 -17.03 -3.99
CA ALA A 114 -15.49 -16.37 -5.06
C ALA A 114 -14.58 -15.56 -5.95
N LEU A 115 -13.48 -15.04 -5.41
CA LEU A 115 -12.52 -14.27 -6.21
C LEU A 115 -11.28 -15.08 -6.63
N VAL A 116 -10.95 -16.08 -5.85
CA VAL A 116 -9.75 -16.92 -6.03
C VAL A 116 -10.20 -18.37 -6.06
N PRO A 117 -10.52 -18.88 -7.24
CA PRO A 117 -11.05 -20.27 -7.29
C PRO A 117 -10.16 -21.32 -6.65
N GLN A 118 -8.87 -21.11 -6.57
CA GLN A 118 -7.97 -22.05 -5.95
C GLN A 118 -7.93 -21.94 -4.44
N MET A 119 -8.61 -21.01 -3.79
CA MET A 119 -8.59 -20.97 -2.34
CA MET A 119 -8.71 -20.94 -2.35
C MET A 119 -9.15 -22.27 -1.76
N ARG A 120 -8.51 -22.70 -0.67
CA ARG A 120 -8.82 -23.94 0.03
C ARG A 120 -9.20 -23.71 1.49
N LEU A 121 -10.06 -24.61 1.97
CA LEU A 121 -10.44 -24.68 3.37
C LEU A 121 -9.65 -25.84 4.00
N LEU A 122 -8.84 -25.55 5.00
CA LEU A 122 -7.97 -26.54 5.65
C LEU A 122 -8.49 -26.87 7.04
N ASP A 123 -8.27 -28.13 7.41
CA ASP A 123 -8.50 -28.52 8.81
C ASP A 123 -7.23 -28.21 9.60
N ALA A 124 -7.31 -28.35 10.93
CA ALA A 124 -6.17 -27.98 11.78
C ALA A 124 -4.93 -28.79 11.45
N GLU A 125 -5.06 -30.09 11.16
CA GLU A 125 -3.90 -30.92 10.87
C GLU A 125 -3.24 -30.40 9.58
N GLN A 126 -4.00 -29.99 8.58
CA GLN A 126 -3.41 -29.50 7.35
C GLN A 126 -2.64 -28.20 7.61
N ALA A 127 -3.19 -27.30 8.43
CA ALA A 127 -2.47 -26.07 8.73
C ALA A 127 -1.15 -26.37 9.43
N CYS A 128 -1.17 -27.29 10.39
CA CYS A 128 0.03 -27.64 11.14
C CYS A 128 1.04 -28.37 10.25
N SER A 129 0.62 -29.08 9.21
CA SER A 129 1.58 -29.67 8.29
C SER A 129 2.36 -28.60 7.56
N ILE A 130 1.73 -27.50 7.19
CA ILE A 130 2.33 -26.43 6.39
C ILE A 130 3.25 -25.56 7.24
N VAL A 131 2.86 -25.21 8.46
CA VAL A 131 3.73 -24.49 9.37
C VAL A 131 3.89 -25.30 10.65
N PRO A 132 4.89 -26.18 10.70
CA PRO A 132 4.95 -27.21 11.74
C PRO A 132 5.23 -26.70 13.14
N VAL A 133 5.59 -25.45 13.29
CA VAL A 133 5.75 -24.84 14.62
C VAL A 133 4.41 -24.45 15.22
N LEU A 134 3.31 -24.54 14.47
CA LEU A 134 2.02 -24.22 15.10
C LEU A 134 1.68 -25.16 16.22
N ARG A 135 1.09 -24.62 17.28
CA ARG A 135 0.59 -25.42 18.40
C ARG A 135 -0.77 -25.97 18.01
N ARG A 136 -0.86 -27.28 17.82
CA ARG A 136 -2.10 -27.91 17.37
C ARG A 136 -3.28 -27.55 18.24
N ASP A 137 -3.12 -27.45 19.56
CA ASP A 137 -4.27 -27.10 20.44
C ASP A 137 -4.82 -25.70 20.18
N LYS A 138 -4.05 -24.85 19.55
CA LYS A 138 -4.41 -23.46 19.36
C LYS A 138 -5.05 -23.24 17.96
N VAL A 139 -5.06 -24.25 17.11
CA VAL A 139 -5.46 -24.14 15.73
C VAL A 139 -6.81 -24.84 15.49
N PHE A 140 -7.74 -24.17 14.83
CA PHE A 140 -9.04 -24.74 14.55
C PHE A 140 -9.37 -24.88 13.08
N GLY A 141 -8.51 -24.52 12.20
CA GLY A 141 -8.72 -24.63 10.73
C GLY A 141 -8.04 -23.43 10.10
N ALA A 142 -8.12 -23.36 8.77
CA ALA A 142 -7.47 -22.26 8.07
C ALA A 142 -8.03 -22.11 6.66
N THR A 143 -7.77 -20.96 6.06
CA THR A 143 -7.89 -20.83 4.63
C THR A 143 -6.50 -20.79 4.03
N TYR A 144 -6.38 -21.19 2.76
CA TYR A 144 -5.11 -21.23 2.09
C TYR A 144 -5.27 -20.69 0.66
N ASP A 145 -4.52 -19.65 0.35
CA ASP A 145 -4.54 -19.03 -0.97
C ASP A 145 -3.24 -19.31 -1.68
N PRO A 146 -3.26 -20.26 -2.62
CA PRO A 146 -2.01 -20.60 -3.32
C PRO A 146 -1.44 -19.51 -4.23
N THR A 147 -2.19 -18.43 -4.45
CA THR A 147 -1.88 -17.40 -5.41
C THR A 147 -1.23 -16.17 -4.79
N GLY A 148 -1.01 -16.17 -3.46
CA GLY A 148 -0.33 -15.05 -2.82
C GLY A 148 1.10 -14.89 -3.31
N ALA A 149 1.61 -13.67 -3.19
CA ALA A 149 2.96 -13.40 -3.64
C ALA A 149 3.66 -12.36 -2.78
N ASP A 150 4.96 -12.46 -2.63
CA ASP A 150 5.80 -11.40 -2.11
C ASP A 150 6.09 -10.42 -3.25
N ILE A 151 6.12 -9.14 -2.91
CA ILE A 151 6.39 -8.07 -3.84
C ILE A 151 7.77 -7.47 -3.56
N ASP A 152 8.58 -7.32 -4.58
CA ASP A 152 9.86 -6.60 -4.51
C ASP A 152 9.53 -5.11 -4.56
N THR A 153 9.18 -4.56 -3.39
CA THR A 153 8.62 -3.20 -3.37
CA THR A 153 8.65 -3.20 -3.31
C THR A 153 9.63 -2.18 -3.84
N ASP A 154 10.88 -2.35 -3.48
CA ASP A 154 11.87 -1.37 -3.93
C ASP A 154 11.99 -1.42 -5.44
N ALA A 155 12.02 -2.62 -6.05
CA ALA A 155 12.12 -2.68 -7.50
C ALA A 155 10.91 -2.07 -8.18
N LEU A 156 9.75 -2.31 -7.62
CA LEU A 156 8.49 -1.75 -8.17
C LEU A 156 8.48 -0.24 -8.08
N HIS A 157 8.77 0.27 -6.88
CA HIS A 157 8.78 1.71 -6.65
C HIS A 157 9.81 2.41 -7.53
N GLN A 158 11.04 1.90 -7.52
CA GLN A 158 12.09 2.48 -8.36
C GLN A 158 11.75 2.36 -9.85
N GLY A 159 11.04 1.32 -10.23
CA GLY A 159 10.63 1.18 -11.63
C GLY A 159 9.67 2.29 -12.05
N TYR A 160 8.72 2.60 -11.18
CA TYR A 160 7.80 3.69 -11.45
C TYR A 160 8.57 4.99 -11.56
N LEU A 161 9.45 5.25 -10.60
CA LEU A 161 10.19 6.53 -10.63
C LEU A 161 11.10 6.67 -11.82
N ARG A 162 11.78 5.59 -12.19
CA ARG A 162 12.61 5.61 -13.38
C ARG A 162 11.80 5.86 -14.65
N GLY A 163 10.61 5.26 -14.74
CA GLY A 163 9.72 5.50 -15.82
C GLY A 163 9.35 6.95 -15.98
N ILE A 164 9.08 7.63 -14.88
CA ILE A 164 8.79 9.05 -14.94
C ILE A 164 9.95 9.79 -15.55
N ARG A 165 11.15 9.51 -15.08
CA ARG A 165 12.34 10.22 -15.54
C ARG A 165 12.63 9.91 -17.00
N ARG A 166 12.40 8.69 -17.47
CA ARG A 166 12.63 8.35 -18.87
C ARG A 166 11.64 9.10 -19.76
N ASN A 167 10.50 9.54 -19.22
CA ASN A 167 9.54 10.33 -19.96
C ASN A 167 9.67 11.81 -19.67
N GLN A 168 10.86 12.22 -19.26
CA GLN A 168 11.28 13.59 -19.07
C GLN A 168 10.56 14.27 -17.90
N GLY A 169 9.95 13.45 -17.02
CA GLY A 169 9.42 13.98 -15.80
C GLY A 169 10.53 14.21 -14.80
N GLN A 170 10.20 14.96 -13.75
CA GLN A 170 11.14 15.25 -12.68
C GLN A 170 10.65 14.66 -11.37
N VAL A 171 11.55 14.07 -10.60
CA VAL A 171 11.26 13.55 -9.28
C VAL A 171 12.17 14.31 -8.31
N LEU A 172 11.59 15.26 -7.59
CA LEU A 172 12.40 16.17 -6.81
C LEU A 172 12.28 15.89 -5.31
N CYS A 173 13.33 15.35 -4.70
CA CYS A 173 13.33 15.12 -3.26
C CYS A 173 13.78 16.42 -2.59
N ASN A 174 13.62 16.51 -1.28
CA ASN A 174 13.92 17.72 -0.55
C ASN A 174 13.13 18.92 -1.09
N HIS A 175 11.91 18.64 -1.51
CA HIS A 175 10.99 19.62 -2.05
C HIS A 175 9.62 19.50 -1.39
N GLU A 176 9.61 19.70 -0.09
CA GLU A 176 8.36 19.75 0.63
C GLU A 176 7.46 20.86 0.08
N ALA A 177 6.22 20.57 -0.19
CA ALA A 177 5.22 21.57 -0.50
C ALA A 177 4.90 22.34 0.78
N LEU A 178 5.23 23.62 0.81
CA LEU A 178 5.05 24.46 1.98
C LEU A 178 3.79 25.30 1.89
N GLU A 179 3.43 25.73 0.70
CA GLU A 179 2.24 26.51 0.45
C GLU A 179 1.64 26.05 -0.87
N ILE A 180 0.32 26.18 -0.95
CA ILE A 180 -0.43 25.78 -2.17
C ILE A 180 -1.49 26.81 -2.42
N ARG A 181 -1.52 27.38 -3.60
CA ARG A 181 -2.48 28.41 -3.92
C ARG A 181 -2.96 28.34 -5.34
N ARG A 182 -4.24 28.61 -5.61
CA ARG A 182 -4.76 28.66 -6.99
C ARG A 182 -4.47 30.07 -7.49
N VAL A 183 -3.60 30.24 -8.48
CA VAL A 183 -3.09 31.50 -8.97
C VAL A 183 -3.12 31.52 -10.48
N ASP A 184 -3.85 32.43 -11.08
CA ASP A 184 -3.86 32.56 -12.53
C ASP A 184 -4.15 31.23 -13.24
N GLY A 185 -5.18 30.50 -12.78
CA GLY A 185 -5.62 29.34 -13.55
C GLY A 185 -4.81 28.11 -13.34
N ALA A 186 -3.96 28.15 -12.32
CA ALA A 186 -3.20 26.96 -12.03
C ALA A 186 -3.03 26.85 -10.52
N TRP A 187 -2.77 25.61 -10.11
CA TRP A 187 -2.27 25.40 -8.77
C TRP A 187 -0.79 25.76 -8.71
N GLU A 188 -0.41 26.53 -7.72
CA GLU A 188 0.98 26.94 -7.54
C GLU A 188 1.47 26.48 -6.18
N VAL A 189 2.51 25.66 -6.15
CA VAL A 189 3.13 25.10 -4.97
C VAL A 189 4.43 25.80 -4.70
N ARG A 190 4.55 26.35 -3.49
CA ARG A 190 5.82 26.88 -3.05
C ARG A 190 6.61 25.83 -2.30
N CYS A 191 7.81 25.57 -2.76
CA CYS A 191 8.83 24.80 -2.05
C CYS A 191 9.87 25.81 -1.56
N ASP A 192 10.84 25.35 -0.79
CA ASP A 192 11.73 26.31 -0.13
C ASP A 192 12.65 27.03 -1.09
N ALA A 193 12.90 26.52 -2.29
CA ALA A 193 13.78 27.23 -3.22
C ALA A 193 13.07 27.84 -4.41
N GLY A 194 11.82 27.51 -4.63
CA GLY A 194 11.11 27.97 -5.77
C GLY A 194 9.71 27.37 -5.82
N SER A 195 8.89 27.89 -6.74
CA SER A 195 7.55 27.43 -6.93
C SER A 195 7.36 26.71 -8.27
N TYR A 196 6.28 25.95 -8.29
CA TYR A 196 5.84 25.05 -9.35
C TYR A 196 4.39 25.31 -9.68
N ARG A 197 4.02 25.30 -10.96
CA ARG A 197 2.67 25.60 -11.39
C ARG A 197 2.15 24.57 -12.37
N ALA A 198 0.94 24.12 -12.18
CA ALA A 198 0.28 23.25 -13.14
C ALA A 198 -1.22 23.33 -12.97
N ALA A 199 -1.97 22.98 -14.05
CA ALA A 199 -3.42 22.98 -13.93
C ALA A 199 -3.90 21.91 -12.99
N VAL A 200 -3.15 20.82 -12.83
CA VAL A 200 -3.53 19.74 -11.98
C VAL A 200 -2.56 19.56 -10.81
N LEU A 201 -3.16 19.46 -9.62
CA LEU A 201 -2.43 19.12 -8.42
CA LEU A 201 -2.47 19.15 -8.38
C LEU A 201 -2.89 17.72 -8.00
N VAL A 202 -1.93 16.80 -8.01
CA VAL A 202 -2.20 15.43 -7.62
C VAL A 202 -1.72 15.24 -6.20
N ASN A 203 -2.70 15.05 -5.31
CA ASN A 203 -2.40 14.89 -3.88
C ASN A 203 -2.17 13.43 -3.55
N ALA A 204 -0.92 13.01 -3.49
CA ALA A 204 -0.51 11.64 -3.23
C ALA A 204 0.39 11.56 -2.00
N ALA A 205 0.04 12.34 -0.99
CA ALA A 205 0.89 12.58 0.15
C ALA A 205 0.72 11.62 1.30
N GLY A 206 0.16 10.44 1.05
CA GLY A 206 0.09 9.41 2.09
C GLY A 206 -0.76 9.86 3.26
N ALA A 207 -0.24 9.63 4.46
CA ALA A 207 -0.91 10.05 5.65
C ALA A 207 -1.11 11.57 5.74
N TRP A 208 -0.41 12.31 4.91
CA TRP A 208 -0.50 13.77 4.90
C TRP A 208 -1.47 14.28 3.85
N CYS A 209 -2.28 13.45 3.21
CA CYS A 209 -3.17 14.00 2.18
C CYS A 209 -4.11 15.07 2.70
N ASP A 210 -4.67 14.93 3.89
CA ASP A 210 -5.57 15.96 4.38
C ASP A 210 -4.79 17.22 4.77
N ALA A 211 -3.53 17.11 5.17
CA ALA A 211 -2.70 18.27 5.44
C ALA A 211 -2.48 19.07 4.17
N ILE A 212 -2.26 18.40 3.04
CA ILE A 212 -2.08 19.07 1.75
C ILE A 212 -3.38 19.78 1.37
N ALA A 213 -4.53 19.14 1.54
CA ALA A 213 -5.81 19.81 1.32
C ALA A 213 -5.91 21.05 2.17
N GLY A 214 -5.42 20.98 3.42
CA GLY A 214 -5.50 22.14 4.31
C GLY A 214 -4.65 23.28 3.84
N LEU A 215 -3.47 23.05 3.23
CA LEU A 215 -2.68 24.12 2.61
C LEU A 215 -3.44 24.78 1.46
N ALA A 216 -4.20 23.96 0.71
CA ALA A 216 -4.89 24.40 -0.49
C ALA A 216 -6.25 24.98 -0.25
N GLY A 217 -6.79 24.88 0.97
CA GLY A 217 -8.13 25.34 1.19
C GLY A 217 -9.22 24.43 0.64
N VAL A 218 -8.94 23.12 0.54
CA VAL A 218 -9.83 22.14 -0.02
C VAL A 218 -10.38 21.29 1.12
N ARG A 219 -11.67 21.00 1.13
CA ARG A 219 -12.25 20.22 2.19
C ARG A 219 -11.59 18.85 2.27
N PRO A 220 -11.14 18.44 3.45
CA PRO A 220 -10.44 17.15 3.57
C PRO A 220 -11.38 15.97 3.55
N LEU A 221 -10.79 14.78 3.45
CA LEU A 221 -11.58 13.57 3.37
C LEU A 221 -11.91 12.95 4.71
N GLY A 222 -11.18 13.34 5.76
CA GLY A 222 -11.30 12.63 7.04
C GLY A 222 -10.40 11.42 7.11
N LEU A 223 -9.24 11.52 6.50
CA LEU A 223 -8.24 10.44 6.53
C LEU A 223 -7.72 10.19 7.95
N GLN A 224 -7.65 8.93 8.34
CA GLN A 224 -7.17 8.51 9.64
C GLN A 224 -5.93 7.62 9.47
N PRO A 225 -4.74 8.14 9.75
CA PRO A 225 -3.57 7.30 9.79
C PRO A 225 -3.64 6.33 10.97
N LYS A 226 -3.16 5.11 10.77
CA LYS A 226 -3.17 4.09 11.81
C LYS A 226 -1.81 3.39 11.84
N ARG A 227 -1.21 3.38 13.04
CA ARG A 227 0.09 2.76 13.22
C ARG A 227 0.01 1.24 13.19
N ARG A 228 0.93 0.63 12.45
CA ARG A 228 1.20 -0.79 12.51
C ARG A 228 2.69 -1.02 12.68
N SER A 229 3.08 -1.78 13.66
CA SER A 229 4.48 -2.09 13.90
C SER A 229 4.82 -3.47 13.37
N ALA A 230 6.08 -3.68 13.07
CA ALA A 230 6.59 -4.98 12.65
C ALA A 230 8.03 -5.16 13.10
N PHE A 231 8.51 -6.40 13.03
CA PHE A 231 9.87 -6.69 13.50
C PHE A 231 10.39 -7.90 12.77
N ILE A 232 11.71 -7.98 12.72
CA ILE A 232 12.43 -9.10 12.12
C ILE A 232 13.22 -9.84 13.19
N PHE A 233 13.12 -11.15 13.20
CA PHE A 233 13.83 -11.94 14.18
C PHE A 233 14.33 -13.24 13.56
N ALA A 234 15.30 -13.82 14.22
CA ALA A 234 15.93 -15.06 13.77
C ALA A 234 15.09 -16.26 14.17
N PRO A 235 14.94 -17.24 13.28
CA PRO A 235 14.32 -18.51 13.66
C PRO A 235 15.27 -19.31 14.54
N PRO A 236 14.72 -20.18 15.37
CA PRO A 236 15.55 -21.01 16.22
C PRO A 236 16.39 -21.93 15.35
N PRO A 237 17.49 -22.37 15.92
CA PRO A 237 18.29 -23.37 15.24
C PRO A 237 17.46 -24.58 14.84
N GLY A 238 17.70 -25.09 13.64
CA GLY A 238 17.00 -26.27 13.18
C GLY A 238 15.64 -26.08 12.56
N ILE A 239 15.09 -24.86 12.57
CA ILE A 239 13.82 -24.61 11.90
C ILE A 239 14.11 -24.05 10.53
N ASP A 240 13.77 -24.73 9.43
CA ASP A 240 13.97 -24.18 8.09
C ASP A 240 12.58 -23.67 7.66
N CYS A 241 12.44 -22.35 7.83
CA CYS A 241 11.19 -21.68 7.56
C CYS A 241 11.16 -20.96 6.22
N HIS A 242 12.13 -21.18 5.33
CA HIS A 242 12.22 -20.28 4.18
C HIS A 242 11.02 -20.43 3.25
N ASP A 243 10.36 -21.56 3.19
CA ASP A 243 9.24 -21.74 2.27
C ASP A 243 7.91 -21.66 2.96
N TRP A 244 7.85 -21.24 4.21
CA TRP A 244 6.53 -21.10 4.83
C TRP A 244 5.66 -20.03 4.12
N PRO A 245 4.34 -20.18 4.18
CA PRO A 245 3.45 -19.13 3.66
C PRO A 245 3.48 -17.93 4.58
N MET A 246 2.90 -16.84 4.09
CA MET A 246 2.48 -15.82 5.02
CA MET A 246 2.42 -15.78 4.98
C MET A 246 1.35 -16.36 5.90
N LEU A 247 1.54 -16.25 7.22
CA LEU A 247 0.61 -16.77 8.22
C LEU A 247 -0.09 -15.61 8.89
N VAL A 248 -1.38 -15.57 8.85
CA VAL A 248 -2.18 -14.51 9.47
C VAL A 248 -3.25 -15.11 10.37
N SER A 249 -3.52 -14.54 11.56
CA SER A 249 -4.67 -15.03 12.35
C SER A 249 -5.98 -14.52 11.77
N LEU A 250 -7.03 -15.29 11.92
CA LEU A 250 -8.35 -15.02 11.38
C LEU A 250 -8.90 -13.68 11.82
N ASP A 251 -8.57 -13.28 13.05
CA ASP A 251 -9.03 -12.01 13.58
C ASP A 251 -7.95 -10.92 13.47
N GLU A 252 -6.95 -11.11 12.64
CA GLU A 252 -5.87 -10.17 12.39
C GLU A 252 -5.17 -9.76 13.68
N SER A 253 -5.03 -10.69 14.62
CA SER A 253 -4.26 -10.43 15.82
C SER A 253 -2.74 -10.44 15.66
N PHE A 254 -2.20 -11.13 14.69
CA PHE A 254 -0.79 -11.12 14.38
C PHE A 254 -0.62 -11.70 12.99
N TYR A 255 0.60 -11.49 12.44
CA TYR A 255 1.02 -12.28 11.30
C TYR A 255 2.53 -12.55 11.37
N LEU A 256 2.96 -13.47 10.52
CA LEU A 256 4.29 -14.03 10.51
C LEU A 256 4.64 -14.44 9.10
N LYS A 257 5.77 -14.01 8.57
CA LYS A 257 6.16 -14.34 7.21
CA LYS A 257 6.15 -14.44 7.23
C LYS A 257 7.66 -14.54 7.10
N PRO A 258 8.17 -15.47 6.32
CA PRO A 258 9.62 -15.50 6.08
C PRO A 258 10.10 -14.26 5.31
N ASP A 259 11.31 -13.82 5.67
CA ASP A 259 11.92 -12.68 5.01
C ASP A 259 13.44 -13.00 4.90
N ALA A 260 14.01 -13.39 3.79
N ALA A 260 13.72 -13.51 3.72
CA ALA A 260 15.48 -13.44 3.66
CA ALA A 260 14.67 -14.49 3.29
C ALA A 260 16.27 -14.22 4.72
C ALA A 260 14.75 -15.62 4.34
N GLY A 261 15.84 -15.42 5.08
CA GLY A 261 16.35 -16.30 6.08
C GLY A 261 15.88 -15.96 7.48
N MET A 262 15.21 -14.84 7.64
CA MET A 262 14.64 -14.39 8.88
C MET A 262 13.12 -14.52 8.86
N LEU A 263 12.51 -14.11 9.98
CA LEU A 263 11.08 -14.06 10.10
C LEU A 263 10.62 -12.63 10.38
N LEU A 264 9.56 -12.21 9.72
CA LEU A 264 8.91 -10.94 9.96
C LEU A 264 7.67 -11.26 10.80
N GLY A 265 7.50 -10.57 11.90
CA GLY A 265 6.32 -10.68 12.73
C GLY A 265 5.65 -9.33 12.91
N SER A 266 4.36 -9.33 13.24
CA SER A 266 3.65 -8.10 13.53
C SER A 266 2.44 -8.38 14.39
N PRO A 267 2.09 -7.48 15.31
CA PRO A 267 0.80 -7.58 15.99
C PRO A 267 -0.35 -7.08 15.14
N ALA A 268 -0.12 -6.66 13.90
CA ALA A 268 -1.16 -6.29 12.97
C ALA A 268 -2.06 -5.24 13.58
N ASN A 269 -1.47 -4.24 14.24
CA ASN A 269 -2.22 -3.21 14.92
C ASN A 269 -2.64 -2.10 13.98
N ALA A 270 -3.53 -1.25 14.53
CA ALA A 270 -4.14 -0.17 13.77
C ALA A 270 -4.49 0.94 14.74
N ASP A 271 -3.46 1.45 15.42
CA ASP A 271 -3.67 2.47 16.46
C ASP A 271 -3.79 3.85 15.82
N PRO A 272 -4.88 4.55 16.02
CA PRO A 272 -5.06 5.85 15.33
C PRO A 272 -4.11 6.90 15.84
N VAL A 273 -3.40 7.56 14.92
CA VAL A 273 -2.39 8.55 15.24
C VAL A 273 -2.42 9.68 14.24
N GLU A 274 -1.78 10.79 14.53
CA GLU A 274 -1.56 11.89 13.58
C GLU A 274 -0.51 11.47 12.57
N ALA A 275 -0.53 12.09 11.40
CA ALA A 275 0.55 11.90 10.44
C ALA A 275 1.86 12.43 11.02
N HIS A 276 2.88 11.57 11.02
CA HIS A 276 4.20 11.92 11.54
C HIS A 276 5.17 10.80 11.13
N ASP A 277 6.45 10.98 11.41
CA ASP A 277 7.43 9.92 11.20
C ASP A 277 7.32 8.91 12.34
N VAL A 278 6.51 7.88 12.14
CA VAL A 278 6.06 7.03 13.23
C VAL A 278 7.12 6.01 13.59
N GLN A 279 7.27 5.78 14.88
CA GLN A 279 8.20 4.82 15.44
CA GLN A 279 8.18 4.86 15.51
C GLN A 279 7.44 3.67 16.11
N PRO A 280 8.08 2.52 16.19
CA PRO A 280 7.41 1.39 16.85
C PRO A 280 7.26 1.68 18.31
N GLU A 281 6.18 1.19 18.91
CA GLU A 281 5.95 1.20 20.35
C GLU A 281 6.34 -0.12 20.94
N GLN A 282 7.03 -0.07 22.09
CA GLN A 282 7.45 -1.29 22.77
C GLN A 282 6.26 -2.22 22.99
N LEU A 283 5.12 -1.68 23.42
CA LEU A 283 3.96 -2.56 23.65
C LEU A 283 3.50 -3.24 22.36
N ASP A 284 3.63 -2.59 21.22
CA ASP A 284 3.30 -3.24 19.95
C ASP A 284 4.18 -4.47 19.72
N ILE A 285 5.48 -4.27 19.87
CA ILE A 285 6.45 -5.31 19.60
C ILE A 285 6.29 -6.45 20.61
N ALA A 286 6.18 -6.12 21.91
CA ALA A 286 5.96 -7.13 22.91
C ALA A 286 4.70 -7.95 22.65
N THR A 287 3.61 -7.30 22.22
CA THR A 287 2.36 -8.00 21.98
C THR A 287 2.53 -8.97 20.81
N GLY A 288 3.16 -8.53 19.73
CA GLY A 288 3.36 -9.44 18.62
C GLY A 288 4.20 -10.63 18.98
N MET A 289 5.27 -10.42 19.73
CA MET A 289 6.11 -11.54 20.15
C MET A 289 5.34 -12.48 21.04
N TYR A 290 4.58 -11.95 21.98
CA TYR A 290 3.78 -12.78 22.86
C TYR A 290 2.83 -13.67 22.09
N LEU A 291 2.12 -13.10 21.13
CA LEU A 291 1.12 -13.86 20.41
C LEU A 291 1.76 -14.93 19.54
N ILE A 292 2.90 -14.64 18.94
CA ILE A 292 3.61 -15.68 18.17
C ILE A 292 4.10 -16.78 19.05
N GLU A 293 4.59 -16.46 20.25
CA GLU A 293 5.09 -17.47 21.18
C GLU A 293 3.98 -18.28 21.79
N GLU A 294 2.75 -17.78 21.81
CA GLU A 294 1.61 -18.53 22.28
C GLU A 294 1.03 -19.43 21.17
N ALA A 295 1.00 -19.01 19.94
CA ALA A 295 0.46 -19.75 18.80
C ALA A 295 1.40 -20.84 18.28
N THR A 296 2.70 -20.70 18.58
CA THR A 296 3.73 -21.54 17.96
C THR A 296 4.72 -21.94 19.02
N THR A 297 5.60 -22.87 18.66
CA THR A 297 6.69 -23.26 19.49
C THR A 297 7.90 -22.35 19.41
N LEU A 298 8.02 -21.35 18.57
CA LEU A 298 9.03 -20.36 18.44
C LEU A 298 9.24 -19.61 19.76
N THR A 299 10.54 -19.39 19.99
CA THR A 299 10.90 -18.45 21.03
C THR A 299 11.72 -17.36 20.35
N ILE A 300 11.48 -16.13 20.74
CA ILE A 300 12.01 -14.94 20.10
C ILE A 300 12.98 -14.25 21.03
N ARG A 301 14.23 -14.12 20.67
CA ARG A 301 15.15 -13.61 21.69
C ARG A 301 15.16 -12.08 21.73
N ARG A 302 15.52 -11.52 20.58
CA ARG A 302 15.58 -10.09 20.40
C ARG A 302 15.54 -9.73 18.90
N PRO A 303 14.81 -8.67 18.56
CA PRO A 303 14.63 -8.39 17.14
C PRO A 303 15.90 -7.81 16.54
N GLU A 304 16.11 -8.13 15.27
CA GLU A 304 17.18 -7.46 14.52
C GLU A 304 16.78 -6.10 13.98
N HIS A 305 15.51 -5.91 13.71
CA HIS A 305 14.94 -4.71 13.16
C HIS A 305 13.53 -4.56 13.73
N THR A 306 13.15 -3.33 14.05
CA THR A 306 11.80 -2.98 14.38
C THR A 306 11.46 -1.70 13.63
N TRP A 307 10.19 -1.54 13.30
CA TRP A 307 9.72 -0.32 12.71
C TRP A 307 8.21 -0.23 12.85
N ALA A 308 7.67 0.91 12.45
CA ALA A 308 6.24 1.08 12.36
C ALA A 308 5.95 1.94 11.16
N GLY A 309 4.79 1.78 10.54
CA GLY A 309 4.39 2.69 9.49
C GLY A 309 2.94 3.01 9.60
N LEU A 310 2.46 3.94 8.76
CA LEU A 310 1.10 4.41 8.76
C LEU A 310 0.29 3.80 7.64
N ARG A 311 -0.84 3.19 8.00
CA ARG A 311 -1.83 2.70 7.05
C ARG A 311 -3.03 3.63 7.22
N SER A 312 -3.37 4.41 6.17
CA SER A 312 -4.32 5.51 6.29
C SER A 312 -5.61 5.23 5.56
N PHE A 313 -6.71 5.44 6.27
CA PHE A 313 -8.03 5.08 5.81
C PHE A 313 -9.05 6.20 5.85
N VAL A 314 -10.04 6.12 4.94
CA VAL A 314 -11.25 6.93 5.09
C VAL A 314 -12.31 5.99 5.64
N ALA A 315 -13.49 6.54 5.94
CA ALA A 315 -14.46 5.88 6.76
C ALA A 315 -14.91 4.53 6.20
N ASP A 316 -15.00 4.38 4.88
CA ASP A 316 -15.54 3.14 4.32
C ASP A 316 -14.47 2.13 3.97
N GLY A 317 -13.18 2.43 4.23
CA GLY A 317 -12.12 1.51 4.00
C GLY A 317 -11.66 1.35 2.58
N ASP A 318 -12.26 2.09 1.65
CA ASP A 318 -11.97 2.06 0.24
C ASP A 318 -10.92 3.10 -0.15
N LEU A 319 -10.16 2.86 -1.21
CA LEU A 319 -9.21 3.84 -1.74
C LEU A 319 -9.92 4.98 -2.40
N VAL A 320 -9.22 6.08 -2.63
CA VAL A 320 -9.80 7.26 -3.27
C VAL A 320 -8.92 7.66 -4.45
N ALA A 321 -9.51 7.76 -5.63
CA ALA A 321 -8.85 8.34 -6.79
C ALA A 321 -9.90 9.17 -7.51
N GLY A 322 -9.83 10.48 -7.43
CA GLY A 322 -10.77 11.33 -8.17
C GLY A 322 -10.55 12.80 -7.87
N TYR A 323 -11.10 13.64 -8.76
CA TYR A 323 -11.09 15.07 -8.54
C TYR A 323 -11.98 15.43 -7.37
N ALA A 324 -11.55 16.40 -6.59
CA ALA A 324 -12.33 16.99 -5.54
C ALA A 324 -13.55 17.68 -6.10
N ALA A 325 -14.68 17.48 -5.40
CA ALA A 325 -15.86 18.27 -5.80
C ALA A 325 -15.58 19.75 -5.61
N ASN A 326 -15.96 20.58 -6.59
CA ASN A 326 -15.89 22.02 -6.36
C ASN A 326 -14.47 22.55 -6.06
N ALA A 327 -13.41 21.87 -6.48
CA ALA A 327 -12.04 22.37 -6.37
C ALA A 327 -11.26 21.96 -7.63
N GLU A 328 -11.43 22.81 -8.65
CA GLU A 328 -10.97 22.53 -9.96
C GLU A 328 -9.50 22.11 -9.94
N GLY A 329 -9.19 20.98 -10.56
CA GLY A 329 -7.81 20.60 -10.74
C GLY A 329 -7.17 19.89 -9.58
N PHE A 330 -7.89 19.70 -8.47
CA PHE A 330 -7.31 19.07 -7.30
C PHE A 330 -7.73 17.61 -7.26
N PHE A 331 -6.76 16.70 -7.41
CA PHE A 331 -7.04 15.28 -7.59
C PHE A 331 -6.49 14.49 -6.40
N TRP A 332 -7.36 13.74 -5.75
CA TRP A 332 -6.95 12.91 -4.63
C TRP A 332 -6.43 11.54 -5.07
N VAL A 333 -5.30 11.08 -4.55
CA VAL A 333 -4.83 9.72 -4.70
C VAL A 333 -4.50 9.23 -3.28
N ALA A 334 -5.50 8.73 -2.56
CA ALA A 334 -5.47 8.68 -1.12
C ALA A 334 -6.12 7.44 -0.55
N ALA A 335 -5.95 7.25 0.75
CA ALA A 335 -6.62 6.21 1.52
C ALA A 335 -6.20 4.81 1.09
N GLN A 336 -4.90 4.68 0.83
CA GLN A 336 -4.31 3.40 0.40
C GLN A 336 -4.39 2.36 1.52
N GLY A 337 -4.61 2.73 2.76
CA GLY A 337 -4.84 1.74 3.82
C GLY A 337 -3.68 0.76 3.91
N GLY A 338 -3.98 -0.52 4.06
CA GLY A 338 -3.00 -1.57 4.06
C GLY A 338 -2.71 -2.21 2.70
N TYR A 339 -2.99 -1.47 1.66
CA TYR A 339 -3.11 -2.06 0.32
C TYR A 339 -2.40 -1.28 -0.76
N GLY A 340 -1.63 -0.26 -0.42
CA GLY A 340 -1.12 0.63 -1.44
C GLY A 340 -0.11 0.01 -2.38
N ILE A 341 0.63 -0.99 -1.96
CA ILE A 341 1.61 -1.59 -2.86
C ILE A 341 0.88 -2.51 -3.83
N GLN A 342 0.08 -3.43 -3.29
CA GLN A 342 -0.58 -4.43 -4.11
C GLN A 342 -1.65 -3.89 -5.03
N THR A 343 -2.13 -2.68 -4.80
CA THR A 343 -3.10 -2.03 -5.68
C THR A 343 -2.46 -1.02 -6.62
N SER A 344 -1.15 -0.82 -6.53
CA SER A 344 -0.55 0.35 -7.15
C SER A 344 -0.63 0.37 -8.64
N ALA A 345 -0.54 -0.76 -9.31
CA ALA A 345 -0.61 -0.69 -10.79
C ALA A 345 -1.98 -0.24 -11.25
N ALA A 346 -3.04 -0.77 -10.66
CA ALA A 346 -4.39 -0.39 -11.01
C ALA A 346 -4.69 1.03 -10.57
N MET A 347 -4.29 1.43 -9.38
CA MET A 347 -4.52 2.79 -8.93
C MET A 347 -3.77 3.81 -9.77
N GLY A 348 -2.53 3.46 -10.13
CA GLY A 348 -1.77 4.42 -10.92
C GLY A 348 -2.38 4.60 -12.29
N GLU A 349 -2.75 3.48 -12.95
CA GLU A 349 -3.35 3.58 -14.26
C GLU A 349 -4.72 4.27 -14.22
N ALA A 350 -5.56 3.88 -13.25
CA ALA A 350 -6.86 4.50 -13.12
C ALA A 350 -6.78 6.00 -12.83
N SER A 351 -5.96 6.35 -11.86
CA SER A 351 -5.84 7.74 -11.44
C SER A 351 -5.34 8.57 -12.62
N ALA A 352 -4.33 8.11 -13.33
CA ALA A 352 -3.81 8.85 -14.46
C ALA A 352 -4.86 9.06 -15.55
N ALA A 353 -5.64 8.00 -15.82
CA ALA A 353 -6.68 8.09 -16.81
C ALA A 353 -7.70 9.15 -16.39
N LEU A 354 -8.09 9.08 -15.11
CA LEU A 354 -9.11 10.04 -14.66
C LEU A 354 -8.61 11.45 -14.61
N ILE A 355 -7.36 11.62 -14.18
CA ILE A 355 -6.75 12.98 -14.25
C ILE A 355 -6.84 13.55 -15.65
N ARG A 356 -6.64 12.70 -16.65
CA ARG A 356 -6.61 13.09 -18.06
C ARG A 356 -7.99 13.13 -18.68
N HIS A 357 -9.01 12.93 -17.88
CA HIS A 357 -10.38 12.98 -18.36
CA HIS A 357 -10.41 12.89 -18.27
C HIS A 357 -10.66 11.85 -19.35
N GLN A 358 -10.00 10.72 -19.19
CA GLN A 358 -10.16 9.55 -20.05
C GLN A 358 -11.02 8.49 -19.36
N PRO A 359 -11.60 7.60 -20.15
CA PRO A 359 -12.28 6.45 -19.57
C PRO A 359 -11.28 5.51 -18.87
N LEU A 360 -11.79 4.78 -17.89
CA LEU A 360 -10.96 3.78 -17.25
C LEU A 360 -10.68 2.73 -18.33
N PRO A 361 -9.45 2.29 -18.45
CA PRO A 361 -9.11 1.26 -19.43
C PRO A 361 -9.93 -0.01 -19.26
N ALA A 362 -10.19 -0.71 -20.37
CA ALA A 362 -11.04 -1.88 -20.33
C ALA A 362 -10.65 -2.88 -19.25
N HIS A 363 -9.34 -3.15 -19.14
CA HIS A 363 -8.96 -4.27 -18.28
C HIS A 363 -9.33 -3.92 -16.85
N LEU A 364 -9.32 -2.64 -16.52
CA LEU A 364 -9.77 -2.24 -15.19
C LEU A 364 -11.28 -2.37 -15.07
N ARG A 365 -12.07 -1.90 -16.04
CA ARG A 365 -13.53 -2.04 -15.89
C ARG A 365 -13.94 -3.51 -15.80
N GLU A 366 -13.19 -4.38 -16.46
CA GLU A 366 -13.57 -5.79 -16.51
C GLU A 366 -13.41 -6.42 -15.13
N HIS A 367 -12.64 -5.78 -14.27
CA HIS A 367 -12.43 -6.31 -12.92
C HIS A 367 -13.43 -5.68 -11.97
N GLY A 368 -14.34 -4.92 -12.55
CA GLY A 368 -15.43 -4.35 -11.80
C GLY A 368 -15.16 -2.98 -11.23
N LEU A 369 -14.22 -2.26 -11.84
CA LEU A 369 -13.90 -0.93 -11.34
C LEU A 369 -14.71 0.12 -12.11
N ASP A 370 -15.05 1.24 -11.48
CA ASP A 370 -15.68 2.36 -12.17
C ASP A 370 -15.29 3.64 -11.44
N GLU A 371 -15.59 4.70 -12.16
CA GLU A 371 -15.16 6.01 -11.63
C GLU A 371 -15.83 6.32 -10.30
N ALA A 372 -17.11 6.04 -10.16
CA ALA A 372 -17.84 6.38 -8.98
C ALA A 372 -17.32 5.70 -7.73
N MET A 373 -16.91 4.45 -7.87
CA MET A 373 -16.39 3.65 -6.74
C MET A 373 -15.09 4.18 -6.23
N LEU A 374 -14.37 4.91 -7.05
CA LEU A 374 -13.08 5.49 -6.68
C LEU A 374 -13.21 6.92 -6.18
N SER A 375 -14.30 7.59 -6.52
CA SER A 375 -14.41 9.03 -6.28
C SER A 375 -14.57 9.46 -4.84
N PRO A 376 -14.00 10.59 -4.44
CA PRO A 376 -14.20 11.08 -3.08
C PRO A 376 -15.64 11.52 -2.80
N ARG A 377 -16.42 11.71 -3.84
CA ARG A 377 -17.81 12.14 -3.76
C ARG A 377 -18.62 11.09 -3.01
N ARG A 378 -18.20 9.86 -3.03
CA ARG A 378 -18.97 8.85 -2.33
C ARG A 378 -18.94 9.00 -0.81
N LEU A 379 -17.98 9.73 -0.28
CA LEU A 379 -17.87 9.92 1.16
C LEU A 379 -18.89 10.92 1.70
N SER A 380 -19.51 11.66 0.82
CA SER A 380 -20.57 12.63 0.98
C SER A 380 -21.96 12.10 0.63
N PRO A 381 -22.96 12.38 1.47
CA PRO A 381 -24.35 12.10 1.09
C PRO A 381 -24.73 12.79 -0.21
PA FAD B . 3.83 7.12 1.48
O1A FAD B . 4.74 6.02 1.02
O2A FAD B . 3.90 7.50 2.92
O5B FAD B . 4.15 8.35 0.54
C5B FAD B . 3.61 9.67 0.74
C4B FAD B . 4.77 10.62 0.50
O4B FAD B . 4.22 11.95 0.61
C3B FAD B . 5.86 10.50 1.53
O3B FAD B . 7.11 10.14 0.91
C2B FAD B . 5.88 11.89 2.20
O2B FAD B . 7.17 12.36 2.62
C1B FAD B . 5.31 12.77 1.08
N9A FAD B . 4.77 14.04 1.58
C8A FAD B . 3.93 14.22 2.66
N7A FAD B . 3.70 15.53 2.81
C5A FAD B . 4.38 16.19 1.85
C6A FAD B . 4.56 17.53 1.51
N6A FAD B . 4.08 18.56 2.25
N1A FAD B . 5.31 17.81 0.42
C2A FAD B . 5.90 16.87 -0.30
N3A FAD B . 5.80 15.54 -0.01
C4A FAD B . 5.02 15.24 1.06
N1 FAD B . 0.54 -2.56 1.53
C2 FAD B . 0.49 -3.60 0.61
O2 FAD B . 0.00 -3.41 -0.52
N3 FAD B . 0.98 -4.85 0.94
C4 FAD B . 1.48 -5.16 2.21
O4 FAD B . 1.92 -6.31 2.47
C4X FAD B . 1.48 -4.13 3.15
N5 FAD B . 1.88 -4.38 4.46
C5X FAD B . 2.07 -3.30 5.32
C6 FAD B . 2.63 -3.50 6.57
C7 FAD B . 2.92 -2.44 7.42
C7M FAD B . 3.64 -2.69 8.74
C8 FAD B . 2.61 -1.15 6.98
C8M FAD B . 3.03 0.07 7.81
C9 FAD B . 2.00 -0.95 5.75
C9A FAD B . 1.71 -2.01 4.91
N10 FAD B . 1.10 -1.78 3.67
C10 FAD B . 1.05 -2.87 2.77
C1' FAD B . 0.50 -0.53 3.25
C2' FAD B . 1.45 0.35 2.38
O2' FAD B . 2.63 0.58 3.19
C3' FAD B . 0.77 1.72 2.16
O3' FAD B . -0.60 1.53 1.69
C4' FAD B . 1.46 2.51 1.02
O4' FAD B . 2.88 2.49 1.27
C5' FAD B . 0.97 3.95 1.04
O5' FAD B . 1.70 4.63 0.00
P FAD B . 1.55 6.21 -0.14
O1P FAD B . 2.31 6.56 -1.37
O2P FAD B . 0.13 6.61 0.00
O3P FAD B . 2.30 6.76 1.18
C HHI C . -0.71 -4.96 6.08
C HHI C . -0.65 -5.05 6.21
N HHI C . -1.18 -5.55 3.68
N HHI C . 0.64 -7.07 5.73
O HHI C . -0.14 -5.35 7.15
O HHI C . -1.28 -4.09 5.66
CA HHI C . -0.71 -5.93 4.83
CA HHI C . -0.29 -6.25 5.30
CB HHI C . -0.08 -7.28 4.90
CB HHI C . -1.05 -6.32 3.99
CG HHI C . -0.49 -8.20 3.74
CG HHI C . -0.82 -7.58 3.17
ND1 HHI C . -0.58 -7.82 2.52
ND1 HHI C . -1.15 -7.60 1.87
CD2 HHI C . -0.89 -9.46 3.88
CD2 HHI C . -0.35 -8.78 3.49
CE1 HHI C . -0.88 -8.89 1.82
CE1 HHI C . -0.86 -8.79 1.42
NE2 HHI C . -1.08 -9.93 2.64
NE2 HHI C . -0.36 -9.55 2.41
OXT HHI C . -1.29 -3.86 5.82
OXT HHI C . -0.23 -5.19 7.39
#